data_4YAE
#
_entry.id   4YAE
#
_cell.length_a   126.645
_cell.length_b   74.929
_cell.length_c   56.283
_cell.angle_alpha   90.00
_cell.angle_beta   104.53
_cell.angle_gamma   90.00
#
_symmetry.space_group_name_H-M   'C 1 2 1'
#
loop_
_entity.id
_entity.type
_entity.pdbx_description
1 polymer 'C alpha-dehydrogenase'
2 water water
#
_entity_poly.entity_id   1
_entity_poly.type   'polypeptide(L)'
_entity_poly.pdbx_seq_one_letter_code
;MDIAGTTAFITGGASGIGFGIAQRLLANGARLVLADIRQDHLDEARQFFEERQQGRNVHTIRLDVSDRAQMAEAARECEA
VMGGPDILINNAGIDPSGPFKDATYQDWDYGLAINLMGPINGIMAFTPGMRARGRGGHIVNTASLAGLTPMPSFMAIYAT
AKAAVITLTETIRDSMAEDNIGVTVLMPGPIKSRIHESGQNRPERFRAGSGLAETEQQLAKRVVADNWMEPTEVGDMIVD
AIVHNKLYVSTHGNWRETCEARFQALLDSMPEARPFDFGASLAVPKEEA
;
_entity_poly.pdbx_strand_id   A,B
#
# COMPACT_ATOMS: atom_id res chain seq x y z
N MET A 1 -6.34 -17.88 -20.08
CA MET A 1 -7.69 -18.52 -20.18
C MET A 1 -8.43 -18.07 -21.42
N ASP A 2 -9.42 -18.87 -21.80
CA ASP A 2 -10.29 -18.59 -22.93
C ASP A 2 -11.34 -17.56 -22.54
N ILE A 3 -11.44 -16.48 -23.32
CA ILE A 3 -12.40 -15.39 -23.01
C ILE A 3 -13.77 -15.73 -23.57
N ALA A 4 -13.82 -16.56 -24.61
CA ALA A 4 -15.09 -16.92 -25.22
C ALA A 4 -16.01 -17.59 -24.21
N GLY A 5 -17.24 -17.08 -24.11
CA GLY A 5 -18.24 -17.69 -23.24
C GLY A 5 -18.19 -17.21 -21.80
N THR A 6 -17.29 -16.28 -21.51
CA THR A 6 -17.14 -15.80 -20.13
C THR A 6 -18.01 -14.59 -19.87
N THR A 7 -18.14 -14.25 -18.59
CA THR A 7 -18.68 -12.97 -18.14
C THR A 7 -17.60 -12.19 -17.41
N ALA A 8 -17.50 -10.90 -17.75
CA ALA A 8 -16.54 -10.00 -17.12
C ALA A 8 -17.29 -8.92 -16.34
N PHE A 9 -16.86 -8.72 -15.10
CA PHE A 9 -17.38 -7.71 -14.21
C PHE A 9 -16.32 -6.62 -14.13
N ILE A 10 -16.67 -5.39 -14.53
CA ILE A 10 -15.68 -4.33 -14.67
C ILE A 10 -16.07 -3.09 -13.87
N THR A 11 -15.33 -2.79 -12.81
CA THR A 11 -15.58 -1.57 -12.04
C THR A 11 -14.91 -0.38 -12.74
N GLY A 12 -15.45 0.81 -12.57
CA GLY A 12 -15.07 1.94 -13.39
C GLY A 12 -15.27 1.63 -14.86
N GLY A 13 -16.30 0.85 -15.15
CA GLY A 13 -16.47 0.28 -16.47
C GLY A 13 -17.14 1.18 -17.48
N ALA A 14 -17.57 2.37 -17.05
CA ALA A 14 -18.38 3.24 -17.91
C ALA A 14 -17.57 4.30 -18.64
N SER A 15 -16.27 4.37 -18.35
CA SER A 15 -15.43 5.39 -18.97
C SER A 15 -13.99 4.91 -19.06
N GLY A 16 -13.20 5.64 -19.84
CA GLY A 16 -11.76 5.48 -19.86
C GLY A 16 -11.28 4.08 -20.16
N ILE A 17 -10.23 3.68 -19.44
CA ILE A 17 -9.64 2.36 -19.59
C ILE A 17 -10.64 1.24 -19.35
N GLY A 18 -11.50 1.39 -18.34
CA GLY A 18 -12.47 0.37 -18.04
C GLY A 18 -13.38 0.11 -19.22
N PHE A 19 -13.79 1.18 -19.89
CA PHE A 19 -14.68 1.04 -21.03
C PHE A 19 -13.93 0.47 -22.24
N GLY A 20 -12.67 0.81 -22.41
CA GLY A 20 -11.87 0.24 -23.48
C GLY A 20 -11.68 -1.26 -23.29
N ILE A 21 -11.44 -1.67 -22.04
CA ILE A 21 -11.35 -3.08 -21.71
C ILE A 21 -12.69 -3.76 -22.01
N ALA A 22 -13.78 -3.12 -21.60
CA ALA A 22 -15.11 -3.64 -21.86
C ALA A 22 -15.30 -3.96 -23.34
N GLN A 23 -14.98 -3.00 -24.20
CA GLN A 23 -15.15 -3.17 -25.62
C GLN A 23 -14.39 -4.37 -26.15
N ARG A 24 -13.15 -4.53 -25.72
CA ARG A 24 -12.32 -5.56 -26.32
C ARG A 24 -12.66 -6.93 -25.74
N LEU A 25 -13.12 -6.97 -24.49
CA LEU A 25 -13.55 -8.26 -23.93
C LEU A 25 -14.82 -8.74 -24.64
N LEU A 26 -15.78 -7.84 -24.87
CA LEU A 26 -16.98 -8.19 -25.64
C LEU A 26 -16.59 -8.68 -27.04
N ALA A 27 -15.65 -8.00 -27.67
CA ALA A 27 -15.21 -8.37 -29.02
C ALA A 27 -14.60 -9.77 -29.07
N ASN A 28 -14.09 -10.21 -27.92
CA ASN A 28 -13.49 -11.54 -27.80
C ASN A 28 -14.45 -12.56 -27.16
N GLY A 29 -15.73 -12.22 -27.12
CA GLY A 29 -16.76 -13.19 -26.76
C GLY A 29 -17.24 -13.20 -25.32
N ALA A 30 -16.85 -12.19 -24.55
CA ALA A 30 -17.36 -12.04 -23.19
C ALA A 30 -18.70 -11.34 -23.18
N ARG A 31 -19.52 -11.66 -22.18
CA ARG A 31 -20.65 -10.81 -21.79
C ARG A 31 -20.17 -9.90 -20.67
N LEU A 32 -20.82 -8.75 -20.52
CA LEU A 32 -20.31 -7.69 -19.65
C LEU A 32 -21.27 -7.28 -18.55
N VAL A 33 -20.70 -7.04 -17.37
CA VAL A 33 -21.38 -6.28 -16.33
C VAL A 33 -20.48 -5.09 -16.01
N LEU A 34 -20.98 -3.89 -16.34
CA LEU A 34 -20.23 -2.66 -16.08
C LEU A 34 -20.72 -2.06 -14.78
N ALA A 35 -19.78 -1.76 -13.89
CA ALA A 35 -20.10 -1.17 -12.61
C ALA A 35 -19.43 0.19 -12.50
N ASP A 36 -20.18 1.19 -12.04
CA ASP A 36 -19.62 2.51 -11.87
C ASP A 36 -20.47 3.30 -10.89
N ILE A 37 -19.94 4.40 -10.40
CA ILE A 37 -20.61 5.17 -9.34
C ILE A 37 -21.63 6.13 -9.95
N ARG A 38 -21.42 6.49 -11.21
CA ARG A 38 -22.25 7.47 -11.91
C ARG A 38 -23.33 6.80 -12.78
N GLN A 39 -24.59 7.15 -12.54
CA GLN A 39 -25.68 6.57 -13.31
C GLN A 39 -25.65 6.95 -14.78
N ASP A 40 -25.31 8.22 -15.04
CA ASP A 40 -25.32 8.77 -16.39
C ASP A 40 -24.23 8.14 -17.25
N HIS A 41 -23.07 7.90 -16.63
CA HIS A 41 -21.96 7.26 -17.31
C HIS A 41 -22.37 5.86 -17.76
N LEU A 42 -22.99 5.11 -16.85
CA LEU A 42 -23.40 3.74 -17.16
C LEU A 42 -24.42 3.70 -18.29
N ASP A 43 -25.40 4.60 -18.27
CA ASP A 43 -26.40 4.62 -19.32
C ASP A 43 -25.77 4.97 -20.66
N GLU A 44 -24.84 5.93 -20.65
CA GLU A 44 -24.11 6.29 -21.88
C GLU A 44 -23.32 5.11 -22.42
N ALA A 45 -22.66 4.40 -21.51
CA ALA A 45 -21.84 3.26 -21.89
C ALA A 45 -22.68 2.17 -22.52
N ARG A 46 -23.81 1.83 -21.89
CA ARG A 46 -24.61 0.75 -22.46
C ARG A 46 -25.22 1.21 -23.78
N GLN A 47 -25.60 2.48 -23.88
CA GLN A 47 -26.11 3.03 -25.13
C GLN A 47 -25.13 2.84 -26.29
N PHE A 48 -23.84 2.96 -26.01
CA PHE A 48 -22.81 2.68 -27.00
C PHE A 48 -22.98 1.27 -27.56
N PHE A 49 -23.13 0.30 -26.67
CA PHE A 49 -23.29 -1.08 -27.09
C PHE A 49 -24.66 -1.35 -27.72
N GLU A 50 -25.67 -0.63 -27.24
CA GLU A 50 -27.02 -0.67 -27.82
C GLU A 50 -26.99 -0.29 -29.30
N GLU A 51 -26.26 0.78 -29.61
CA GLU A 51 -26.14 1.26 -30.99
C GLU A 51 -25.40 0.26 -31.87
N ARG A 52 -24.63 -0.63 -31.26
CA ARG A 52 -23.92 -1.68 -31.98
C ARG A 52 -24.65 -3.03 -31.85
N GLN A 53 -25.92 -2.96 -31.45
CA GLN A 53 -26.79 -4.11 -31.36
C GLN A 53 -26.25 -5.20 -30.44
N GLN A 54 -25.65 -4.78 -29.32
CA GLN A 54 -25.11 -5.70 -28.32
C GLN A 54 -25.64 -5.43 -26.91
N GLY A 55 -26.73 -4.70 -26.80
CA GLY A 55 -27.28 -4.33 -25.50
C GLY A 55 -27.62 -5.50 -24.59
N ARG A 56 -28.08 -6.60 -25.17
CA ARG A 56 -28.50 -7.75 -24.36
C ARG A 56 -27.31 -8.44 -23.67
N ASN A 57 -26.10 -8.12 -24.10
CA ASN A 57 -24.90 -8.74 -23.54
C ASN A 57 -24.13 -7.79 -22.63
N VAL A 58 -24.77 -6.69 -22.28
CA VAL A 58 -24.20 -5.72 -21.36
C VAL A 58 -25.24 -5.36 -20.29
N HIS A 59 -24.84 -5.56 -19.03
CA HIS A 59 -25.66 -5.17 -17.90
C HIS A 59 -24.88 -4.10 -17.13
N THR A 60 -25.58 -3.20 -16.44
CA THR A 60 -24.92 -2.16 -15.66
C THR A 60 -25.40 -2.21 -14.22
N ILE A 61 -24.49 -1.88 -13.30
CA ILE A 61 -24.78 -1.83 -11.86
C ILE A 61 -24.14 -0.58 -11.30
N ARG A 62 -24.94 0.29 -10.66
CA ARG A 62 -24.37 1.43 -9.95
C ARG A 62 -23.78 0.95 -8.64
N LEU A 63 -22.48 1.22 -8.43
CA LEU A 63 -21.73 0.59 -7.36
C LEU A 63 -20.67 1.51 -6.78
N ASP A 64 -20.61 1.58 -5.45
CA ASP A 64 -19.50 2.18 -4.73
C ASP A 64 -18.58 1.05 -4.28
N VAL A 65 -17.38 0.95 -4.86
CA VAL A 65 -16.53 -0.20 -4.59
C VAL A 65 -16.00 -0.24 -3.15
N SER A 66 -16.17 0.86 -2.40
CA SER A 66 -15.75 0.87 -1.00
C SER A 66 -16.83 0.36 -0.06
N ASP A 67 -18.02 0.06 -0.61
CA ASP A 67 -19.14 -0.39 0.20
C ASP A 67 -19.20 -1.92 0.10
N ARG A 68 -18.79 -2.59 1.16
CA ARG A 68 -18.62 -4.04 1.12
C ARG A 68 -19.95 -4.75 0.96
N ALA A 69 -21.01 -4.24 1.58
CA ALA A 69 -22.32 -4.86 1.41
C ALA A 69 -22.78 -4.71 -0.03
N GLN A 70 -22.63 -3.52 -0.62
CA GLN A 70 -22.97 -3.32 -2.03
C GLN A 70 -22.15 -4.25 -2.95
N MET A 71 -20.87 -4.44 -2.63
CA MET A 71 -20.03 -5.29 -3.46
C MET A 71 -20.55 -6.74 -3.42
N ALA A 72 -20.93 -7.24 -2.25
CA ALA A 72 -21.48 -8.59 -2.17
C ALA A 72 -22.79 -8.70 -2.96
N GLU A 73 -23.63 -7.67 -2.86
CA GLU A 73 -24.89 -7.64 -3.59
C GLU A 73 -24.61 -7.64 -5.09
N ALA A 74 -23.60 -6.90 -5.52
CA ALA A 74 -23.27 -6.82 -6.94
C ALA A 74 -22.78 -8.17 -7.47
N ALA A 75 -22.02 -8.89 -6.66
CA ALA A 75 -21.53 -10.20 -7.09
C ALA A 75 -22.72 -11.15 -7.29
N ARG A 76 -23.71 -11.08 -6.41
CA ARG A 76 -24.90 -11.93 -6.56
C ARG A 76 -25.73 -11.49 -7.77
N GLU A 77 -25.84 -10.19 -8.00
CA GLU A 77 -26.59 -9.70 -9.15
C GLU A 77 -25.90 -10.09 -10.47
N CYS A 78 -24.58 -9.95 -10.50
CA CYS A 78 -23.79 -10.37 -11.67
C CYS A 78 -24.08 -11.82 -12.03
N GLU A 79 -23.95 -12.69 -11.04
CA GLU A 79 -24.12 -14.11 -11.25
C GLU A 79 -25.51 -14.39 -11.78
N ALA A 80 -26.51 -13.73 -11.19
CA ALA A 80 -27.91 -14.00 -11.54
C ALA A 80 -28.23 -13.54 -12.96
N VAL A 81 -27.76 -12.34 -13.29
CA VAL A 81 -28.15 -11.70 -14.54
C VAL A 81 -27.30 -12.17 -15.72
N MET A 82 -25.99 -12.21 -15.54
CA MET A 82 -25.07 -12.49 -16.65
C MET A 82 -24.20 -13.74 -16.43
N GLY A 83 -24.25 -14.31 -15.23
CA GLY A 83 -23.44 -15.47 -14.91
C GLY A 83 -22.06 -15.11 -14.36
N GLY A 84 -21.46 -16.05 -13.65
CA GLY A 84 -20.10 -15.84 -13.15
C GLY A 84 -19.99 -14.74 -12.12
N PRO A 85 -19.04 -13.79 -12.30
CA PRO A 85 -18.15 -13.60 -13.45
C PRO A 85 -16.95 -14.52 -13.44
N ASP A 86 -16.39 -14.73 -14.62
CA ASP A 86 -15.13 -15.44 -14.76
C ASP A 86 -13.95 -14.48 -14.75
N ILE A 87 -14.23 -13.25 -15.15
CA ILE A 87 -13.21 -12.21 -15.24
C ILE A 87 -13.64 -11.03 -14.35
N LEU A 88 -12.75 -10.63 -13.45
CA LEU A 88 -13.01 -9.51 -12.56
C LEU A 88 -11.97 -8.43 -12.84
N ILE A 89 -12.44 -7.26 -13.24
CA ILE A 89 -11.58 -6.13 -13.51
C ILE A 89 -11.83 -5.04 -12.46
N ASN A 90 -10.92 -4.95 -11.50
CA ASN A 90 -11.02 -3.92 -10.44
C ASN A 90 -10.30 -2.68 -10.91
N ASN A 91 -11.03 -1.80 -11.57
CA ASN A 91 -10.43 -0.68 -12.27
C ASN A 91 -10.83 0.70 -11.73
N ALA A 92 -11.88 0.76 -10.89
CA ALA A 92 -12.30 2.03 -10.31
C ALA A 92 -11.16 2.72 -9.58
N GLY A 93 -11.12 4.05 -9.69
CA GLY A 93 -10.11 4.83 -8.99
C GLY A 93 -10.61 6.24 -8.76
N ILE A 94 -9.87 6.98 -7.94
CA ILE A 94 -10.08 8.42 -7.78
C ILE A 94 -8.73 9.04 -7.45
N ASP A 95 -8.63 10.35 -7.70
CA ASP A 95 -7.39 11.08 -7.46
C ASP A 95 -7.54 12.12 -6.34
N PRO A 96 -7.03 11.81 -5.14
CA PRO A 96 -7.11 12.68 -3.97
C PRO A 96 -5.92 13.64 -3.86
N SER A 97 -5.24 13.91 -4.97
CA SER A 97 -3.98 14.66 -4.93
C SER A 97 -4.17 16.13 -4.61
N GLY A 98 -3.12 16.72 -4.06
CA GLY A 98 -3.16 18.09 -3.60
C GLY A 98 -1.97 18.37 -2.71
N PRO A 99 -1.71 19.65 -2.40
CA PRO A 99 -0.59 20.00 -1.52
C PRO A 99 -0.60 19.15 -0.25
N PHE A 100 0.51 18.49 0.06
CA PHE A 100 0.50 17.47 1.09
C PHE A 100 0.19 18.05 2.47
N LYS A 101 0.56 19.30 2.71
CA LYS A 101 0.27 19.91 4.00
C LYS A 101 -1.21 20.20 4.18
N ASP A 102 -1.96 20.19 3.09
CA ASP A 102 -3.40 20.43 3.15
C ASP A 102 -4.15 19.10 3.28
N ALA A 103 -3.42 17.98 3.16
CA ALA A 103 -4.08 16.68 3.16
C ALA A 103 -4.71 16.39 4.52
N THR A 104 -5.91 15.82 4.47
CA THR A 104 -6.69 15.52 5.67
C THR A 104 -6.82 14.02 5.87
N TYR A 105 -7.25 13.63 7.06
CA TYR A 105 -7.58 12.23 7.29
C TYR A 105 -8.65 11.75 6.31
N GLN A 106 -9.60 12.61 5.96
CA GLN A 106 -10.65 12.24 5.01
C GLN A 106 -10.08 11.96 3.63
N ASP A 107 -9.08 12.73 3.19
CA ASP A 107 -8.41 12.46 1.92
C ASP A 107 -7.75 11.09 1.91
N TRP A 108 -7.06 10.78 3.00
CA TRP A 108 -6.41 9.47 3.15
C TRP A 108 -7.45 8.35 3.13
N ASP A 109 -8.52 8.52 3.89
CA ASP A 109 -9.50 7.48 4.02
C ASP A 109 -10.19 7.20 2.67
N TYR A 110 -10.57 8.26 1.98
CA TYR A 110 -11.26 8.13 0.68
C TYR A 110 -10.31 7.59 -0.38
N GLY A 111 -9.12 8.17 -0.41
CA GLY A 111 -8.09 7.73 -1.33
C GLY A 111 -7.76 6.25 -1.21
N LEU A 112 -7.58 5.77 0.02
CA LEU A 112 -7.29 4.36 0.22
C LEU A 112 -8.53 3.49 0.02
N ALA A 113 -9.69 4.00 0.41
CA ALA A 113 -10.94 3.22 0.30
C ALA A 113 -11.21 2.81 -1.14
N ILE A 114 -11.11 3.76 -2.06
CA ILE A 114 -11.42 3.46 -3.44
C ILE A 114 -10.26 2.74 -4.12
N ASN A 115 -9.05 3.28 -3.98
CA ASN A 115 -7.94 2.81 -4.81
C ASN A 115 -7.34 1.51 -4.31
N LEU A 116 -7.38 1.29 -3.00
CA LEU A 116 -6.82 0.06 -2.42
C LEU A 116 -7.90 -0.89 -1.92
N MET A 117 -8.86 -0.40 -1.14
CA MET A 117 -9.86 -1.32 -0.61
C MET A 117 -10.87 -1.74 -1.70
N GLY A 118 -10.98 -0.95 -2.77
CA GLY A 118 -11.83 -1.35 -3.89
C GLY A 118 -11.45 -2.73 -4.42
N PRO A 119 -10.20 -2.88 -4.87
CA PRO A 119 -9.73 -4.19 -5.33
C PRO A 119 -9.78 -5.28 -4.25
N ILE A 120 -9.43 -4.94 -3.02
CA ILE A 120 -9.52 -5.92 -1.95
C ILE A 120 -10.97 -6.39 -1.75
N ASN A 121 -11.90 -5.44 -1.72
CA ASN A 121 -13.31 -5.78 -1.59
C ASN A 121 -13.78 -6.65 -2.75
N GLY A 122 -13.33 -6.34 -3.96
CA GLY A 122 -13.68 -7.15 -5.12
C GLY A 122 -13.19 -8.58 -5.00
N ILE A 123 -11.94 -8.71 -4.59
CA ILE A 123 -11.37 -10.02 -4.38
C ILE A 123 -12.13 -10.78 -3.29
N MET A 124 -12.40 -10.12 -2.16
CA MET A 124 -13.12 -10.76 -1.06
C MET A 124 -14.52 -11.22 -1.46
N ALA A 125 -15.23 -10.37 -2.22
CA ALA A 125 -16.62 -10.64 -2.57
C ALA A 125 -16.76 -11.66 -3.69
N PHE A 126 -15.87 -11.62 -4.67
CA PHE A 126 -16.05 -12.40 -5.88
C PHE A 126 -15.30 -13.74 -5.89
N THR A 127 -14.18 -13.86 -5.17
CA THR A 127 -13.39 -15.09 -5.33
C THR A 127 -14.05 -16.34 -4.70
N PRO A 128 -14.90 -16.19 -3.65
CA PRO A 128 -15.52 -17.45 -3.20
C PRO A 128 -16.27 -18.17 -4.33
N GLY A 129 -17.06 -17.43 -5.09
CA GLY A 129 -17.76 -18.00 -6.22
C GLY A 129 -16.85 -18.40 -7.36
N MET A 130 -15.87 -17.57 -7.65
CA MET A 130 -14.95 -17.87 -8.75
C MET A 130 -14.19 -19.16 -8.46
N ARG A 131 -13.78 -19.35 -7.22
CA ARG A 131 -13.13 -20.60 -6.81
C ARG A 131 -14.09 -21.78 -6.87
N ALA A 132 -15.27 -21.62 -6.27
CA ALA A 132 -16.24 -22.71 -6.14
C ALA A 132 -16.76 -23.22 -7.48
N ARG A 133 -17.00 -22.32 -8.43
CA ARG A 133 -17.57 -22.71 -9.70
C ARG A 133 -16.60 -23.59 -10.48
N GLY A 134 -15.31 -23.46 -10.18
CA GLY A 134 -14.32 -24.41 -10.67
C GLY A 134 -14.00 -24.34 -12.15
N ARG A 135 -14.28 -23.23 -12.81
CA ARG A 135 -13.92 -23.12 -14.23
C ARG A 135 -12.83 -22.07 -14.45
N GLY A 136 -12.09 -21.77 -13.38
CA GLY A 136 -10.99 -20.84 -13.45
C GLY A 136 -11.50 -19.43 -13.55
N GLY A 137 -10.61 -18.51 -13.86
CA GLY A 137 -11.00 -17.12 -13.99
C GLY A 137 -9.77 -16.25 -14.07
N HIS A 138 -9.99 -14.94 -14.02
CA HIS A 138 -8.88 -14.01 -14.05
C HIS A 138 -9.27 -12.73 -13.33
N ILE A 139 -8.32 -12.15 -12.62
CA ILE A 139 -8.51 -10.89 -11.91
C ILE A 139 -7.51 -9.89 -12.44
N VAL A 140 -7.99 -8.74 -12.89
CA VAL A 140 -7.13 -7.63 -13.28
C VAL A 140 -7.35 -6.52 -12.28
N ASN A 141 -6.26 -6.04 -11.67
CA ASN A 141 -6.30 -4.87 -10.82
C ASN A 141 -5.60 -3.71 -11.49
N THR A 142 -6.26 -2.56 -11.57
CA THR A 142 -5.62 -1.37 -12.11
C THR A 142 -4.86 -0.65 -11.01
N ALA A 143 -3.54 -0.60 -11.17
CA ALA A 143 -2.70 0.23 -10.33
C ALA A 143 -2.33 1.47 -11.14
N SER A 144 -1.03 1.76 -11.20
CA SER A 144 -0.54 2.94 -11.92
C SER A 144 0.96 2.86 -11.96
N LEU A 145 1.56 3.46 -12.97
CA LEU A 145 3.00 3.63 -12.93
C LEU A 145 3.37 4.58 -11.77
N ALA A 146 2.39 5.34 -11.25
CA ALA A 146 2.62 6.18 -10.07
C ALA A 146 2.87 5.34 -8.82
N GLY A 147 2.58 4.05 -8.91
CA GLY A 147 2.86 3.13 -7.80
C GLY A 147 4.26 2.55 -7.88
N LEU A 148 5.01 2.93 -8.91
CA LEU A 148 6.32 2.33 -9.18
C LEU A 148 7.45 3.34 -9.34
N THR A 149 7.22 4.39 -10.13
CA THR A 149 8.22 5.41 -10.36
C THR A 149 8.15 6.48 -9.27
N PRO A 150 9.28 7.12 -8.95
CA PRO A 150 9.24 8.15 -7.90
C PRO A 150 8.24 9.27 -8.21
N MET A 151 7.41 9.60 -7.23
CA MET A 151 6.37 10.60 -7.35
C MET A 151 6.53 11.70 -6.33
N PRO A 152 6.06 12.92 -6.65
CA PRO A 152 6.17 14.02 -5.68
C PRO A 152 5.09 13.97 -4.59
N SER A 153 5.28 14.76 -3.54
CA SER A 153 4.43 14.66 -2.36
C SER A 153 2.96 14.99 -2.63
N PHE A 154 2.67 15.84 -3.62
CA PHE A 154 1.25 16.15 -3.83
C PHE A 154 0.51 14.92 -4.38
N MET A 155 1.23 13.88 -4.79
CA MET A 155 0.59 12.62 -5.21
C MET A 155 0.78 11.49 -4.21
N ALA A 156 1.11 11.82 -2.97
CA ALA A 156 1.41 10.81 -1.96
C ALA A 156 0.29 9.78 -1.75
N ILE A 157 -0.96 10.23 -1.65
CA ILE A 157 -2.03 9.30 -1.32
C ILE A 157 -2.26 8.32 -2.46
N TYR A 158 -2.32 8.85 -3.68
CA TYR A 158 -2.53 8.04 -4.86
C TYR A 158 -1.39 7.05 -5.05
N ALA A 159 -0.16 7.55 -4.96
CA ALA A 159 1.00 6.68 -5.18
C ALA A 159 1.05 5.55 -4.16
N THR A 160 0.78 5.89 -2.90
CA THR A 160 0.82 4.93 -1.80
C THR A 160 -0.20 3.81 -2.05
N ALA A 161 -1.42 4.19 -2.41
CA ALA A 161 -2.46 3.19 -2.66
C ALA A 161 -2.11 2.29 -3.84
N LYS A 162 -1.61 2.88 -4.92
CA LYS A 162 -1.36 2.11 -6.13
C LYS A 162 -0.16 1.20 -6.00
N ALA A 163 0.85 1.62 -5.23
CA ALA A 163 1.97 0.74 -4.90
C ALA A 163 1.47 -0.51 -4.17
N ALA A 164 0.55 -0.30 -3.24
CA ALA A 164 -0.06 -1.40 -2.51
C ALA A 164 -0.77 -2.38 -3.46
N VAL A 165 -1.47 -1.84 -4.44
CA VAL A 165 -2.21 -2.67 -5.39
C VAL A 165 -1.26 -3.57 -6.20
N ILE A 166 -0.09 -3.04 -6.57
CA ILE A 166 0.89 -3.84 -7.30
C ILE A 166 1.31 -5.04 -6.46
N THR A 167 1.69 -4.79 -5.22
CA THR A 167 2.15 -5.85 -4.34
C THR A 167 1.03 -6.84 -3.99
N LEU A 168 -0.16 -6.31 -3.78
CA LEU A 168 -1.35 -7.15 -3.54
C LEU A 168 -1.49 -8.18 -4.66
N THR A 169 -1.42 -7.71 -5.89
CA THR A 169 -1.67 -8.56 -7.05
C THR A 169 -0.56 -9.60 -7.17
N GLU A 170 0.68 -9.16 -7.04
CA GLU A 170 1.80 -10.09 -7.08
C GLU A 170 1.64 -11.19 -6.05
N THR A 171 1.27 -10.80 -4.84
CA THR A 171 1.38 -11.71 -3.73
C THR A 171 0.25 -12.75 -3.72
N ILE A 172 -0.94 -12.40 -4.23
CA ILE A 172 -2.06 -13.35 -4.22
C ILE A 172 -2.00 -14.34 -5.38
N ARG A 173 -1.04 -14.18 -6.28
CA ARG A 173 -0.98 -15.03 -7.47
C ARG A 173 -1.06 -16.53 -7.15
N ASP A 174 -0.23 -17.00 -6.22
CA ASP A 174 -0.17 -18.44 -5.94
C ASP A 174 -1.50 -18.95 -5.37
N SER A 175 -2.12 -18.16 -4.51
CA SER A 175 -3.38 -18.55 -3.90
C SER A 175 -4.47 -18.70 -4.96
N MET A 176 -4.53 -17.73 -5.87
CA MET A 176 -5.51 -17.75 -6.93
C MET A 176 -5.25 -18.88 -7.92
N ALA A 177 -3.98 -19.17 -8.18
CA ALA A 177 -3.60 -20.22 -9.13
C ALA A 177 -4.11 -21.58 -8.68
N GLU A 178 -4.26 -21.77 -7.37
CA GLU A 178 -4.74 -23.04 -6.84
C GLU A 178 -6.09 -23.41 -7.45
N ASP A 179 -6.88 -22.40 -7.79
CA ASP A 179 -8.19 -22.59 -8.39
C ASP A 179 -8.22 -22.10 -9.84
N ASN A 180 -7.05 -22.11 -10.46
CA ASN A 180 -6.91 -21.77 -11.87
C ASN A 180 -7.42 -20.36 -12.19
N ILE A 181 -7.20 -19.46 -11.24
CA ILE A 181 -7.52 -18.04 -11.41
C ILE A 181 -6.22 -17.28 -11.60
N GLY A 182 -6.03 -16.69 -12.78
CA GLY A 182 -4.87 -15.88 -13.06
C GLY A 182 -5.04 -14.46 -12.54
N VAL A 183 -3.92 -13.75 -12.36
CA VAL A 183 -3.97 -12.35 -11.97
C VAL A 183 -3.04 -11.48 -12.82
N THR A 184 -3.46 -10.23 -12.99
CA THR A 184 -2.71 -9.21 -13.71
C THR A 184 -2.83 -7.89 -13.00
N VAL A 185 -1.72 -7.17 -12.89
CA VAL A 185 -1.80 -5.78 -12.50
C VAL A 185 -1.45 -4.91 -13.71
N LEU A 186 -2.40 -4.01 -13.99
CA LEU A 186 -2.29 -3.03 -15.06
C LEU A 186 -1.73 -1.74 -14.51
N MET A 187 -0.68 -1.24 -15.15
CA MET A 187 -0.01 -0.03 -14.68
C MET A 187 0.00 1.02 -15.79
N PRO A 188 -1.05 1.85 -15.85
CA PRO A 188 -1.10 2.89 -16.86
C PRO A 188 -0.28 4.13 -16.55
N GLY A 189 -0.05 4.90 -17.60
CA GLY A 189 0.41 6.27 -17.48
C GLY A 189 -0.71 7.15 -18.04
N PRO A 190 -0.36 8.14 -18.89
CA PRO A 190 -1.40 8.99 -19.49
C PRO A 190 -2.24 8.28 -20.56
N ILE A 191 -3.53 8.07 -20.27
CA ILE A 191 -4.43 7.40 -21.21
C ILE A 191 -5.55 8.36 -21.64
N MET A 229 -2.49 7.31 -24.84
CA MET A 229 -2.87 6.04 -25.45
C MET A 229 -4.38 5.84 -25.46
N GLU A 230 -4.86 5.07 -26.44
CA GLU A 230 -6.28 4.81 -26.59
C GLU A 230 -6.75 3.69 -25.66
N PRO A 231 -7.93 3.87 -25.02
CA PRO A 231 -8.48 2.81 -24.17
C PRO A 231 -8.61 1.44 -24.84
N THR A 232 -8.97 1.37 -26.12
CA THR A 232 -9.12 0.05 -26.74
C THR A 232 -7.76 -0.61 -26.94
N GLU A 233 -6.70 0.18 -27.07
CA GLU A 233 -5.37 -0.40 -27.15
C GLU A 233 -5.01 -1.06 -25.81
N VAL A 234 -5.35 -0.38 -24.72
CA VAL A 234 -5.16 -0.96 -23.39
C VAL A 234 -6.03 -2.21 -23.26
N GLY A 235 -7.25 -2.12 -23.78
CA GLY A 235 -8.14 -3.27 -23.79
C GLY A 235 -7.49 -4.49 -24.41
N ASP A 236 -6.84 -4.30 -25.55
CA ASP A 236 -6.23 -5.44 -26.23
C ASP A 236 -5.04 -5.98 -25.45
N MET A 237 -4.30 -5.11 -24.76
CA MET A 237 -3.22 -5.58 -23.91
C MET A 237 -3.77 -6.45 -22.78
N ILE A 238 -4.95 -6.12 -22.29
CA ILE A 238 -5.56 -6.85 -21.19
C ILE A 238 -6.14 -8.17 -21.72
N VAL A 239 -6.68 -8.16 -22.93
CA VAL A 239 -7.11 -9.41 -23.56
C VAL A 239 -5.92 -10.38 -23.61
N ASP A 240 -4.77 -9.88 -24.07
CA ASP A 240 -3.57 -10.70 -24.17
C ASP A 240 -3.16 -11.23 -22.79
N ALA A 241 -3.25 -10.37 -21.77
CA ALA A 241 -2.82 -10.76 -20.43
C ALA A 241 -3.71 -11.83 -19.83
N ILE A 242 -5.00 -11.78 -20.15
CA ILE A 242 -5.94 -12.79 -19.67
C ILE A 242 -5.70 -14.11 -20.42
N VAL A 243 -5.58 -14.04 -21.73
CA VAL A 243 -5.39 -15.24 -22.54
C VAL A 243 -4.10 -15.96 -22.18
N HIS A 244 -3.05 -15.19 -21.95
CA HIS A 244 -1.72 -15.79 -21.73
C HIS A 244 -1.25 -15.75 -20.27
N ASN A 245 -2.13 -15.31 -19.38
CA ASN A 245 -1.85 -15.23 -17.95
C ASN A 245 -0.56 -14.46 -17.62
N LYS A 246 -0.55 -13.20 -18.02
CA LYS A 246 0.60 -12.33 -17.81
C LYS A 246 0.40 -11.49 -16.56
N LEU A 247 1.37 -11.52 -15.65
CA LEU A 247 1.24 -10.81 -14.38
C LEU A 247 1.25 -9.30 -14.52
N TYR A 248 2.09 -8.76 -15.40
CA TYR A 248 2.28 -7.32 -15.53
C TYR A 248 1.87 -6.79 -16.89
N VAL A 249 1.14 -5.69 -16.90
CA VAL A 249 0.88 -4.93 -18.11
C VAL A 249 1.17 -3.47 -17.82
N SER A 250 2.11 -2.90 -18.55
CA SER A 250 2.40 -1.48 -18.47
C SER A 250 2.04 -0.84 -19.79
N THR A 251 1.34 0.29 -19.75
CA THR A 251 0.88 0.92 -20.98
C THR A 251 1.98 1.77 -21.66
N HIS A 252 2.90 2.29 -20.86
CA HIS A 252 3.97 3.18 -21.36
C HIS A 252 5.34 2.76 -20.86
N GLY A 253 6.37 3.14 -21.63
CA GLY A 253 7.75 2.84 -21.25
C GLY A 253 8.55 4.08 -20.92
N ASN A 254 7.89 5.23 -20.89
CA ASN A 254 8.55 6.50 -20.63
C ASN A 254 9.24 6.59 -19.28
N TRP A 255 8.88 5.70 -18.35
CA TRP A 255 9.44 5.76 -17.01
C TRP A 255 10.35 4.57 -16.74
N ARG A 256 10.85 3.94 -17.80
CA ARG A 256 11.77 2.82 -17.63
C ARG A 256 13.03 3.27 -16.90
N GLU A 257 13.61 4.40 -17.32
CA GLU A 257 14.85 4.87 -16.70
C GLU A 257 14.65 5.43 -15.29
N THR A 258 13.53 6.11 -15.04
CA THR A 258 13.27 6.62 -13.68
C THR A 258 13.01 5.46 -12.73
N CYS A 259 12.31 4.44 -13.21
CA CYS A 259 12.08 3.24 -12.41
C CYS A 259 13.41 2.55 -12.15
N GLU A 260 14.22 2.38 -13.20
CA GLU A 260 15.52 1.74 -13.04
C GLU A 260 16.36 2.44 -11.98
N ALA A 261 16.32 3.77 -11.98
CA ALA A 261 17.11 4.55 -11.04
C ALA A 261 16.63 4.30 -9.61
N ARG A 262 15.31 4.25 -9.43
CA ARG A 262 14.75 3.94 -8.11
C ARG A 262 15.16 2.54 -7.68
N PHE A 263 14.97 1.58 -8.58
CA PHE A 263 15.31 0.19 -8.29
C PHE A 263 16.78 0.05 -7.91
N GLN A 264 17.67 0.76 -8.60
CA GLN A 264 19.10 0.71 -8.28
C GLN A 264 19.36 1.29 -6.90
N ALA A 265 18.69 2.37 -6.55
CA ALA A 265 18.87 2.98 -5.23
C ALA A 265 18.43 2.02 -4.12
N LEU A 266 17.33 1.31 -4.36
CA LEU A 266 16.85 0.31 -3.42
C LEU A 266 17.90 -0.79 -3.25
N LEU A 267 18.41 -1.30 -4.37
CA LEU A 267 19.41 -2.37 -4.33
C LEU A 267 20.68 -1.90 -3.63
N ASP A 268 21.08 -0.66 -3.89
CA ASP A 268 22.32 -0.14 -3.30
C ASP A 268 22.23 -0.02 -1.79
N SER A 269 21.01 0.04 -1.25
CA SER A 269 20.81 0.15 0.19
C SER A 269 21.04 -1.17 0.90
N MET A 270 21.18 -2.24 0.13
CA MET A 270 21.27 -3.58 0.70
C MET A 270 22.72 -3.92 0.94
N PRO A 271 23.04 -4.41 2.15
CA PRO A 271 24.43 -4.80 2.42
C PRO A 271 24.78 -6.17 1.86
N MET B 1 21.09 15.10 10.66
CA MET B 1 20.88 16.02 11.82
C MET B 1 21.56 15.48 13.06
N ASP B 2 21.91 16.38 13.98
CA ASP B 2 22.47 15.99 15.27
C ASP B 2 21.40 15.37 16.17
N ILE B 3 21.72 14.21 16.72
CA ILE B 3 20.80 13.49 17.60
C ILE B 3 20.92 13.99 19.05
N ALA B 4 22.09 14.52 19.40
CA ALA B 4 22.32 14.95 20.77
C ALA B 4 21.34 16.05 21.18
N GLY B 5 20.66 15.82 22.31
CA GLY B 5 19.76 16.81 22.87
C GLY B 5 18.39 16.86 22.22
N THR B 6 18.05 15.82 21.46
CA THR B 6 16.74 15.73 20.83
C THR B 6 15.83 14.78 21.62
N THR B 7 14.55 14.78 21.26
CA THR B 7 13.59 13.81 21.78
C THR B 7 13.11 12.95 20.63
N ALA B 8 13.12 11.63 20.84
CA ALA B 8 12.62 10.66 19.89
C ALA B 8 11.36 9.99 20.43
N PHE B 9 10.32 9.96 19.61
CA PHE B 9 9.06 9.28 19.91
C PHE B 9 9.04 8.01 19.05
N ILE B 10 8.98 6.85 19.72
CA ILE B 10 9.14 5.57 19.03
C ILE B 10 7.95 4.65 19.30
N THR B 11 7.17 4.35 18.26
CA THR B 11 6.09 3.38 18.43
C THR B 11 6.63 1.96 18.30
N GLY B 12 5.98 1.01 18.96
CA GLY B 12 6.52 -0.32 19.09
C GLY B 12 7.89 -0.24 19.77
N GLY B 13 8.04 0.74 20.65
CA GLY B 13 9.34 1.07 21.21
C GLY B 13 9.82 0.20 22.35
N ALA B 14 8.98 -0.73 22.79
CA ALA B 14 9.27 -1.52 23.99
C ALA B 14 9.86 -2.89 23.72
N SER B 15 10.04 -3.24 22.45
CA SER B 15 10.63 -4.53 22.12
C SER B 15 11.19 -4.54 20.71
N GLY B 16 11.92 -5.60 20.38
CA GLY B 16 12.45 -5.80 19.05
C GLY B 16 13.22 -4.62 18.49
N ILE B 17 13.01 -4.34 17.20
CA ILE B 17 13.69 -3.26 16.51
C ILE B 17 13.48 -1.91 17.20
N GLY B 18 12.25 -1.63 17.61
CA GLY B 18 11.94 -0.36 18.24
C GLY B 18 12.80 -0.12 19.45
N PHE B 19 12.98 -1.16 20.26
CA PHE B 19 13.78 -1.05 21.48
C PHE B 19 15.28 -0.91 21.16
N GLY B 20 15.73 -1.58 20.11
CA GLY B 20 17.11 -1.44 19.66
C GLY B 20 17.39 -0.03 19.15
N ILE B 21 16.45 0.52 18.39
CA ILE B 21 16.54 1.92 17.96
C ILE B 21 16.55 2.84 19.19
N ALA B 22 15.65 2.59 20.13
CA ALA B 22 15.61 3.38 21.37
C ALA B 22 16.97 3.39 22.06
N GLN B 23 17.55 2.21 22.25
CA GLN B 23 18.84 2.10 22.92
C GLN B 23 19.91 2.94 22.25
N ARG B 24 20.01 2.87 20.91
CA ARG B 24 21.09 3.55 20.23
C ARG B 24 20.83 5.06 20.09
N LEU B 25 19.57 5.47 19.98
CA LEU B 25 19.29 6.90 19.96
C LEU B 25 19.63 7.52 21.31
N LEU B 26 19.28 6.85 22.40
CA LEU B 26 19.64 7.32 23.74
C LEU B 26 21.16 7.40 23.90
N ALA B 27 21.87 6.40 23.36
CA ALA B 27 23.34 6.36 23.43
C ALA B 27 23.96 7.53 22.69
N ASN B 28 23.23 8.05 21.70
CA ASN B 28 23.67 9.19 20.92
C ASN B 28 23.08 10.51 21.40
N GLY B 29 22.44 10.48 22.58
CA GLY B 29 22.05 11.69 23.28
C GLY B 29 20.59 12.10 23.18
N ALA B 30 19.73 11.24 22.63
CA ALA B 30 18.32 11.54 22.55
C ALA B 30 17.60 11.17 23.84
N ARG B 31 16.60 11.97 24.20
CA ARG B 31 15.62 11.55 25.19
C ARG B 31 14.56 10.73 24.48
N LEU B 32 13.89 9.86 25.21
CA LEU B 32 12.98 8.88 24.62
C LEU B 32 11.56 8.96 25.14
N VAL B 33 10.60 8.86 24.23
CA VAL B 33 9.23 8.54 24.55
C VAL B 33 8.91 7.26 23.81
N LEU B 34 8.70 6.19 24.56
CA LEU B 34 8.41 4.88 24.00
C LEU B 34 6.92 4.63 24.08
N ALA B 35 6.35 4.30 22.94
CA ALA B 35 4.92 3.99 22.83
C ALA B 35 4.73 2.57 22.38
N ASP B 36 3.78 1.88 23.01
CA ASP B 36 3.55 0.48 22.70
C ASP B 36 2.17 0.11 23.23
N ILE B 37 1.59 -0.95 22.67
CA ILE B 37 0.25 -1.35 23.04
C ILE B 37 0.27 -2.15 24.34
N ARG B 38 1.45 -2.66 24.69
CA ARG B 38 1.64 -3.54 25.83
C ARG B 38 2.25 -2.82 27.02
N GLN B 39 1.48 -2.62 28.09
CA GLN B 39 1.98 -1.91 29.26
C GLN B 39 3.11 -2.68 29.95
N ASP B 40 3.03 -4.02 29.96
CA ASP B 40 4.04 -4.81 30.63
C ASP B 40 5.39 -4.68 29.91
N HIS B 41 5.33 -4.65 28.58
CA HIS B 41 6.52 -4.40 27.77
C HIS B 41 7.12 -3.02 28.10
N LEU B 42 6.27 -2.02 28.19
CA LEU B 42 6.74 -0.66 28.49
C LEU B 42 7.42 -0.60 29.84
N ASP B 43 6.85 -1.29 30.82
CA ASP B 43 7.43 -1.33 32.16
C ASP B 43 8.82 -1.97 32.13
N GLU B 44 8.93 -3.11 31.45
CA GLU B 44 10.23 -3.79 31.29
C GLU B 44 11.25 -2.89 30.59
N ALA B 45 10.82 -2.20 29.54
CA ALA B 45 11.72 -1.31 28.80
C ALA B 45 12.16 -0.16 29.69
N ARG B 46 11.22 0.39 30.46
CA ARG B 46 11.53 1.47 31.39
C ARG B 46 12.56 1.03 32.41
N GLN B 47 12.35 -0.17 32.96
CA GLN B 47 13.25 -0.72 33.96
C GLN B 47 14.67 -0.90 33.45
N PHE B 48 14.78 -1.36 32.20
CA PHE B 48 16.08 -1.55 31.56
C PHE B 48 16.89 -0.26 31.64
N PHE B 49 16.28 0.86 31.29
CA PHE B 49 16.97 2.13 31.31
C PHE B 49 17.16 2.66 32.73
N GLU B 50 16.20 2.37 33.60
CA GLU B 50 16.29 2.78 35.01
C GLU B 50 17.50 2.16 35.70
N GLU B 51 17.74 0.88 35.43
CA GLU B 51 18.87 0.17 36.02
C GLU B 51 20.22 0.66 35.48
N ARG B 52 20.18 1.41 34.37
CA ARG B 52 21.38 2.02 33.81
C ARG B 52 21.40 3.53 34.05
N GLN B 53 20.70 3.95 35.11
CA GLN B 53 20.55 5.35 35.51
C GLN B 53 20.24 6.30 34.34
N GLN B 54 19.34 5.88 33.47
CA GLN B 54 18.84 6.71 32.39
C GLN B 54 17.33 6.95 32.51
N GLY B 55 16.79 6.65 33.69
CA GLY B 55 15.34 6.69 33.89
C GLY B 55 14.68 8.02 33.58
N ARG B 56 15.33 9.13 33.93
CA ARG B 56 14.68 10.42 33.78
C ARG B 56 14.74 10.89 32.32
N ASN B 57 15.37 10.10 31.45
CA ASN B 57 15.41 10.39 30.00
C ASN B 57 14.49 9.51 29.19
N VAL B 58 13.66 8.71 29.87
CA VAL B 58 12.73 7.83 29.19
C VAL B 58 11.33 8.00 29.78
N HIS B 59 10.34 8.09 28.90
CA HIS B 59 8.94 8.20 29.27
C HIS B 59 8.19 7.17 28.46
N THR B 60 7.15 6.56 29.01
CA THR B 60 6.39 5.57 28.29
C THR B 60 4.93 5.96 28.18
N ILE B 61 4.34 5.64 27.04
CA ILE B 61 2.93 5.88 26.76
C ILE B 61 2.31 4.63 26.16
N ARG B 62 1.25 4.10 26.78
CA ARG B 62 0.52 3.00 26.16
C ARG B 62 -0.37 3.56 25.06
N LEU B 63 -0.29 2.98 23.86
CA LEU B 63 -0.80 3.62 22.65
C LEU B 63 -1.23 2.57 21.62
N ASP B 64 -2.44 2.73 21.08
CA ASP B 64 -2.87 2.03 19.85
C ASP B 64 -2.67 3.00 18.68
N VAL B 65 -1.67 2.74 17.83
CA VAL B 65 -1.32 3.67 16.76
C VAL B 65 -2.44 3.83 15.73
N SER B 66 -3.41 2.92 15.72
CA SER B 66 -4.54 3.07 14.80
C SER B 66 -5.65 3.95 15.37
N ASP B 67 -5.47 4.44 16.59
CA ASP B 67 -6.48 5.28 17.23
C ASP B 67 -6.04 6.73 17.11
N ARG B 68 -6.70 7.47 16.23
CA ARG B 68 -6.25 8.82 15.90
C ARG B 68 -6.39 9.77 17.07
N ALA B 69 -7.43 9.58 17.88
CA ALA B 69 -7.58 10.40 19.08
C ALA B 69 -6.44 10.12 20.07
N GLN B 70 -6.07 8.85 20.23
CA GLN B 70 -4.97 8.49 21.12
C GLN B 70 -3.65 9.04 20.60
N MET B 71 -3.49 9.04 19.28
CA MET B 71 -2.26 9.56 18.68
C MET B 71 -2.17 11.07 18.91
N ALA B 72 -3.28 11.79 18.79
CA ALA B 72 -3.27 13.21 19.09
C ALA B 72 -2.91 13.45 20.56
N GLU B 73 -3.47 12.64 21.46
CA GLU B 73 -3.14 12.71 22.88
C GLU B 73 -1.65 12.48 23.10
N ALA B 74 -1.11 11.48 22.42
CA ALA B 74 0.30 11.12 22.58
C ALA B 74 1.20 12.27 22.15
N ALA B 75 0.84 12.94 21.06
CA ALA B 75 1.63 14.06 20.59
C ALA B 75 1.64 15.19 21.63
N ARG B 76 0.48 15.43 22.25
CA ARG B 76 0.40 16.44 23.31
C ARG B 76 1.25 16.02 24.51
N GLU B 77 1.14 14.76 24.90
CA GLU B 77 1.84 14.27 26.09
C GLU B 77 3.33 14.27 25.85
N CYS B 78 3.75 13.85 24.66
CA CYS B 78 5.15 13.85 24.32
C CYS B 78 5.73 15.26 24.45
N GLU B 79 5.08 16.23 23.82
CA GLU B 79 5.61 17.59 23.84
C GLU B 79 5.70 18.10 25.27
N ALA B 80 4.65 17.86 26.05
CA ALA B 80 4.60 18.39 27.40
C ALA B 80 5.66 17.76 28.31
N VAL B 81 5.76 16.43 28.25
CA VAL B 81 6.58 15.71 29.22
C VAL B 81 8.06 15.72 28.84
N MET B 82 8.36 15.53 27.56
CA MET B 82 9.75 15.36 27.11
C MET B 82 10.19 16.36 26.05
N GLY B 83 9.26 17.18 25.56
CA GLY B 83 9.55 18.14 24.50
C GLY B 83 9.50 17.49 23.12
N GLY B 84 9.23 18.29 22.10
CA GLY B 84 9.31 17.80 20.74
C GLY B 84 8.14 16.90 20.38
N PRO B 85 8.39 15.78 19.67
CA PRO B 85 9.68 15.18 19.33
C PRO B 85 10.34 15.79 18.09
N ASP B 86 11.65 15.64 18.02
CA ASP B 86 12.43 15.95 16.82
C ASP B 86 12.53 14.76 15.88
N ILE B 87 12.48 13.57 16.47
CA ILE B 87 12.63 12.32 15.74
C ILE B 87 11.38 11.47 15.98
N LEU B 88 10.75 11.07 14.88
CA LEU B 88 9.54 10.27 14.94
C LEU B 88 9.81 8.93 14.31
N ILE B 89 9.72 7.88 15.11
CA ILE B 89 9.96 6.52 14.62
C ILE B 89 8.64 5.76 14.64
N ASN B 90 8.04 5.62 13.46
CA ASN B 90 6.80 4.86 13.29
C ASN B 90 7.13 3.41 13.00
N ASN B 91 7.22 2.61 14.07
CA ASN B 91 7.79 1.28 13.99
C ASN B 91 6.84 0.15 14.36
N ALA B 92 5.70 0.48 14.97
CA ALA B 92 4.74 -0.54 15.37
C ALA B 92 4.27 -1.34 14.15
N GLY B 93 4.10 -2.65 14.33
CA GLY B 93 3.63 -3.50 13.26
C GLY B 93 2.89 -4.69 13.81
N ILE B 94 2.17 -5.39 12.93
CA ILE B 94 1.59 -6.68 13.28
C ILE B 94 1.50 -7.51 12.01
N ASP B 95 1.45 -8.82 12.18
CA ASP B 95 1.44 -9.74 11.06
C ASP B 95 0.20 -10.64 11.10
N PRO B 96 -0.82 -10.34 10.28
CA PRO B 96 -2.05 -11.13 10.26
C PRO B 96 -2.00 -12.26 9.24
N SER B 97 -0.81 -12.81 9.00
CA SER B 97 -0.62 -13.82 7.96
C SER B 97 -1.38 -15.10 8.25
N GLY B 98 -1.68 -15.81 7.17
CA GLY B 98 -2.39 -17.08 7.22
C GLY B 98 -2.83 -17.39 5.80
N PRO B 99 -3.35 -18.60 5.55
CA PRO B 99 -3.81 -18.99 4.21
C PRO B 99 -4.68 -17.91 3.59
N PHE B 100 -4.37 -17.45 2.39
CA PHE B 100 -5.02 -16.25 1.90
C PHE B 100 -6.50 -16.50 1.67
N LYS B 101 -6.86 -17.72 1.28
CA LYS B 101 -8.25 -18.09 1.12
C LYS B 101 -9.09 -17.79 2.37
N ASP B 102 -8.46 -17.92 3.54
CA ASP B 102 -9.16 -17.76 4.80
C ASP B 102 -9.07 -16.35 5.37
N ALA B 103 -8.48 -15.42 4.62
CA ALA B 103 -8.38 -14.04 5.06
C ALA B 103 -9.77 -13.46 5.26
N THR B 104 -9.92 -12.65 6.30
CA THR B 104 -11.17 -11.97 6.59
C THR B 104 -11.00 -10.47 6.41
N TYR B 105 -12.14 -9.78 6.31
CA TYR B 105 -12.12 -8.32 6.30
C TYR B 105 -11.46 -7.79 7.57
N GLN B 106 -11.68 -8.44 8.70
CA GLN B 106 -10.99 -8.04 9.93
C GLN B 106 -9.47 -8.15 9.83
N ASP B 107 -8.97 -9.21 9.19
CA ASP B 107 -7.52 -9.37 8.99
C ASP B 107 -6.98 -8.20 8.17
N TRP B 108 -7.68 -7.88 7.09
CA TRP B 108 -7.25 -6.79 6.24
C TRP B 108 -7.30 -5.46 7.00
N ASP B 109 -8.39 -5.22 7.72
CA ASP B 109 -8.55 -3.94 8.37
C ASP B 109 -7.51 -3.78 9.47
N TYR B 110 -7.28 -4.83 10.26
CA TYR B 110 -6.26 -4.79 11.31
C TYR B 110 -4.85 -4.62 10.72
N GLY B 111 -4.54 -5.41 9.71
CA GLY B 111 -3.25 -5.36 9.06
C GLY B 111 -2.93 -4.00 8.49
N LEU B 112 -3.89 -3.40 7.81
CA LEU B 112 -3.68 -2.10 7.21
C LEU B 112 -3.70 -0.99 8.27
N ALA B 113 -4.54 -1.13 9.27
CA ALA B 113 -4.67 -0.11 10.31
C ALA B 113 -3.37 0.09 11.08
N ILE B 114 -2.75 -1.01 11.49
CA ILE B 114 -1.51 -0.88 12.25
C ILE B 114 -0.33 -0.58 11.34
N ASN B 115 -0.16 -1.38 10.29
CA ASN B 115 1.07 -1.31 9.50
C ASN B 115 1.13 -0.11 8.58
N LEU B 116 -0.02 0.35 8.07
CA LEU B 116 -0.03 1.48 7.15
C LEU B 116 -0.63 2.73 7.76
N MET B 117 -1.76 2.62 8.42
CA MET B 117 -2.39 3.81 8.98
C MET B 117 -1.67 4.25 10.26
N GLY B 118 -0.95 3.35 10.92
CA GLY B 118 -0.10 3.75 12.04
C GLY B 118 0.87 4.86 11.67
N PRO B 119 1.73 4.61 10.67
CA PRO B 119 2.64 5.68 10.22
C PRO B 119 1.93 6.91 9.69
N ILE B 120 0.84 6.73 8.95
CA ILE B 120 0.08 7.87 8.46
C ILE B 120 -0.45 8.69 9.64
N ASN B 121 -1.01 8.02 10.64
CA ASN B 121 -1.51 8.71 11.84
C ASN B 121 -0.39 9.44 12.59
N GLY B 122 0.79 8.84 12.63
CA GLY B 122 1.94 9.46 13.29
C GLY B 122 2.33 10.73 12.56
N ILE B 123 2.40 10.64 11.24
CA ILE B 123 2.71 11.80 10.42
C ILE B 123 1.67 12.89 10.62
N MET B 124 0.38 12.53 10.59
CA MET B 124 -0.67 13.51 10.71
C MET B 124 -0.69 14.19 12.07
N ALA B 125 -0.45 13.41 13.13
CA ALA B 125 -0.53 13.94 14.49
C ALA B 125 0.72 14.70 14.92
N PHE B 126 1.90 14.27 14.44
CA PHE B 126 3.15 14.83 14.94
C PHE B 126 3.81 15.86 14.02
N THR B 127 3.65 15.76 12.70
CA THR B 127 4.45 16.65 11.86
C THR B 127 4.00 18.12 11.88
N PRO B 128 2.72 18.42 12.18
CA PRO B 128 2.44 19.85 12.30
C PRO B 128 3.33 20.55 13.34
N GLY B 129 3.52 19.91 14.49
CA GLY B 129 4.37 20.48 15.52
C GLY B 129 5.83 20.50 15.11
N MET B 130 6.27 19.42 14.48
CA MET B 130 7.65 19.33 14.02
C MET B 130 7.96 20.46 13.04
N ARG B 131 7.02 20.76 12.15
CA ARG B 131 7.20 21.88 11.24
C ARG B 131 7.20 23.20 12.00
N ALA B 132 6.21 23.38 12.87
CA ALA B 132 6.02 24.65 13.57
C ALA B 132 7.20 25.03 14.47
N ARG B 133 7.81 24.05 15.12
CA ARG B 133 8.92 24.34 16.05
C ARG B 133 10.15 24.84 15.30
N GLY B 134 10.23 24.50 14.02
CA GLY B 134 11.22 25.08 13.15
C GLY B 134 12.65 24.68 13.41
N ARG B 135 12.88 23.55 14.08
CA ARG B 135 14.26 23.09 14.29
C ARG B 135 14.56 21.81 13.51
N GLY B 136 13.73 21.55 12.51
CA GLY B 136 13.88 20.37 11.69
C GLY B 136 13.54 19.11 12.46
N GLY B 137 13.94 17.97 11.89
CA GLY B 137 13.64 16.70 12.51
C GLY B 137 13.83 15.57 11.53
N HIS B 138 13.37 14.39 11.91
CA HIS B 138 13.50 13.23 11.06
C HIS B 138 12.38 12.25 11.35
N ILE B 139 11.91 11.57 10.30
CA ILE B 139 10.90 10.55 10.42
C ILE B 139 11.47 9.25 9.89
N VAL B 140 11.36 8.17 10.68
CA VAL B 140 11.68 6.83 10.22
C VAL B 140 10.41 6.00 10.19
N ASN B 141 10.08 5.41 9.04
CA ASN B 141 8.97 4.47 8.96
C ASN B 141 9.51 3.07 8.78
N THR B 142 9.06 2.15 9.62
CA THR B 142 9.47 0.75 9.47
C THR B 142 8.55 0.05 8.47
N ALA B 143 9.14 -0.34 7.35
CA ALA B 143 8.45 -1.19 6.38
C ALA B 143 9.01 -2.60 6.53
N SER B 144 9.44 -3.22 5.43
CA SER B 144 9.97 -4.58 5.46
C SER B 144 10.52 -4.89 4.09
N LEU B 145 11.51 -5.78 4.02
CA LEU B 145 11.92 -6.32 2.72
C LEU B 145 10.76 -7.09 2.09
N ALA B 146 9.80 -7.50 2.92
CA ALA B 146 8.59 -8.17 2.42
C ALA B 146 7.74 -7.24 1.56
N GLY B 147 7.98 -5.94 1.67
CA GLY B 147 7.30 -4.96 0.83
C GLY B 147 7.98 -4.78 -0.51
N LEU B 148 9.08 -5.49 -0.73
CA LEU B 148 9.91 -5.30 -1.92
C LEU B 148 10.16 -6.60 -2.70
N THR B 149 10.55 -7.64 -2.00
CA THR B 149 10.85 -8.92 -2.63
C THR B 149 9.58 -9.76 -2.75
N PRO B 150 9.51 -10.65 -3.76
CA PRO B 150 8.30 -11.47 -3.88
C PRO B 150 8.00 -12.34 -2.66
N MET B 151 6.75 -12.31 -2.21
CA MET B 151 6.31 -13.04 -1.03
C MET B 151 5.21 -14.04 -1.36
N PRO B 152 5.10 -15.10 -0.55
CA PRO B 152 4.01 -16.07 -0.75
C PRO B 152 2.66 -15.47 -0.35
N SER B 153 1.58 -16.07 -0.83
CA SER B 153 0.26 -15.49 -0.67
C SER B 153 -0.18 -15.41 0.79
N PHE B 154 0.31 -16.30 1.63
CA PHE B 154 -0.13 -16.25 3.02
C PHE B 154 0.38 -15.00 3.72
N MET B 155 1.31 -14.27 3.08
CA MET B 155 1.82 -13.01 3.61
C MET B 155 1.28 -11.79 2.87
N ALA B 156 0.19 -11.96 2.11
CA ALA B 156 -0.34 -10.89 1.26
C ALA B 156 -0.65 -9.59 2.02
N ILE B 157 -1.26 -9.70 3.19
CA ILE B 157 -1.71 -8.50 3.89
C ILE B 157 -0.52 -7.68 4.37
N TYR B 158 0.43 -8.38 5.01
CA TYR B 158 1.66 -7.75 5.49
C TYR B 158 2.46 -7.14 4.34
N ALA B 159 2.67 -7.92 3.27
CA ALA B 159 3.44 -7.44 2.13
C ALA B 159 2.81 -6.19 1.51
N THR B 160 1.50 -6.21 1.36
CA THR B 160 0.76 -5.12 0.77
C THR B 160 0.90 -3.83 1.60
N ALA B 161 0.69 -3.95 2.90
CA ALA B 161 0.83 -2.82 3.79
C ALA B 161 2.26 -2.26 3.78
N LYS B 162 3.25 -3.14 3.83
CA LYS B 162 4.63 -2.69 3.93
C LYS B 162 5.11 -2.05 2.62
N ALA B 163 4.67 -2.57 1.48
CA ALA B 163 4.97 -1.94 0.20
C ALA B 163 4.44 -0.51 0.18
N ALA B 164 3.25 -0.31 0.72
CA ALA B 164 2.65 1.02 0.76
C ALA B 164 3.49 1.97 1.61
N VAL B 165 4.05 1.48 2.72
CA VAL B 165 4.86 2.33 3.59
C VAL B 165 6.14 2.78 2.89
N ILE B 166 6.71 1.93 2.04
CA ILE B 166 7.90 2.33 1.29
C ILE B 166 7.56 3.52 0.39
N THR B 167 6.48 3.41 -0.37
CA THR B 167 6.07 4.47 -1.27
C THR B 167 5.62 5.73 -0.52
N LEU B 168 4.89 5.55 0.58
CA LEU B 168 4.52 6.67 1.44
C LEU B 168 5.75 7.49 1.79
N THR B 169 6.79 6.81 2.25
CA THR B 169 7.99 7.50 2.73
C THR B 169 8.70 8.23 1.60
N GLU B 170 8.88 7.55 0.46
CA GLU B 170 9.45 8.19 -0.71
C GLU B 170 8.70 9.46 -1.11
N THR B 171 7.37 9.38 -1.14
CA THR B 171 6.61 10.48 -1.71
C THR B 171 6.55 11.69 -0.80
N ILE B 172 6.54 11.49 0.52
CA ILE B 172 6.44 12.63 1.42
C ILE B 172 7.76 13.37 1.59
N ARG B 173 8.85 12.81 1.09
CA ARG B 173 10.18 13.39 1.32
C ARG B 173 10.24 14.89 0.99
N ASP B 174 9.74 15.28 -0.18
CA ASP B 174 9.91 16.66 -0.60
C ASP B 174 9.06 17.60 0.25
N SER B 175 7.92 17.13 0.75
CA SER B 175 7.09 17.96 1.63
C SER B 175 7.77 18.18 2.97
N MET B 176 8.31 17.11 3.54
CA MET B 176 8.96 17.23 4.84
C MET B 176 10.23 18.06 4.73
N ALA B 177 10.89 17.97 3.58
CA ALA B 177 12.12 18.72 3.33
C ALA B 177 11.92 20.23 3.45
N GLU B 178 10.72 20.70 3.12
CA GLU B 178 10.40 22.12 3.19
C GLU B 178 10.69 22.68 4.57
N ASP B 179 10.54 21.83 5.60
CA ASP B 179 10.76 22.26 6.97
C ASP B 179 11.93 21.54 7.62
N ASN B 180 12.88 21.13 6.77
CA ASN B 180 14.13 20.53 7.22
C ASN B 180 13.91 19.24 8.01
N ILE B 181 12.86 18.51 7.64
CA ILE B 181 12.56 17.20 8.20
C ILE B 181 12.95 16.15 7.19
N GLY B 182 13.93 15.31 7.54
CA GLY B 182 14.32 14.22 6.68
C GLY B 182 13.45 13.00 6.91
N VAL B 183 13.46 12.08 5.95
CA VAL B 183 12.74 10.83 6.10
C VAL B 183 13.56 9.61 5.70
N THR B 184 13.26 8.49 6.34
CA THR B 184 13.91 7.21 6.09
C THR B 184 12.86 6.11 6.13
N VAL B 185 12.91 5.18 5.18
CA VAL B 185 12.16 3.95 5.34
C VAL B 185 13.14 2.81 5.62
N LEU B 186 12.87 2.16 6.75
CA LEU B 186 13.61 1.01 7.23
C LEU B 186 12.98 -0.27 6.71
N MET B 187 13.78 -1.11 6.08
CA MET B 187 13.27 -2.33 5.47
C MET B 187 14.00 -3.51 6.07
N PRO B 188 13.44 -4.08 7.16
CA PRO B 188 14.14 -5.20 7.77
C PRO B 188 13.91 -6.55 7.11
N GLY B 189 14.83 -7.47 7.39
CA GLY B 189 14.62 -8.89 7.21
C GLY B 189 14.51 -9.51 8.59
N PRO B 190 15.04 -10.73 8.78
CA PRO B 190 14.94 -11.38 10.09
C PRO B 190 15.78 -10.72 11.18
N ILE B 191 15.12 -10.26 12.24
CA ILE B 191 15.81 -9.60 13.35
C ILE B 191 15.60 -10.39 14.65
N MET B 229 19.38 -10.87 13.26
CA MET B 229 20.20 -9.68 13.52
C MET B 229 19.81 -9.03 14.85
N GLU B 230 20.79 -8.47 15.54
CA GLU B 230 20.54 -7.81 16.81
C GLU B 230 19.81 -6.49 16.59
N PRO B 231 18.76 -6.22 17.39
CA PRO B 231 18.08 -4.93 17.30
C PRO B 231 19.02 -3.72 17.42
N THR B 232 20.05 -3.79 18.25
CA THR B 232 20.94 -2.65 18.40
C THR B 232 21.74 -2.40 17.13
N GLU B 233 22.01 -3.46 16.35
CA GLU B 233 22.69 -3.26 15.07
C GLU B 233 21.78 -2.48 14.12
N VAL B 234 20.49 -2.79 14.14
CA VAL B 234 19.54 -2.03 13.35
C VAL B 234 19.49 -0.59 13.86
N GLY B 235 19.51 -0.43 15.18
CA GLY B 235 19.50 0.88 15.78
C GLY B 235 20.62 1.75 15.26
N ASP B 236 21.81 1.18 15.13
CA ASP B 236 22.95 1.94 14.63
C ASP B 236 22.78 2.30 13.16
N MET B 237 22.10 1.44 12.40
CA MET B 237 21.82 1.79 11.00
C MET B 237 20.91 2.99 10.96
N ILE B 238 20.01 3.08 11.92
CA ILE B 238 19.07 4.20 11.96
C ILE B 238 19.76 5.47 12.44
N VAL B 239 20.66 5.35 13.41
CA VAL B 239 21.48 6.50 13.79
C VAL B 239 22.16 7.07 12.53
N ASP B 240 22.79 6.19 11.76
CA ASP B 240 23.49 6.60 10.55
C ASP B 240 22.55 7.26 9.54
N ALA B 241 21.34 6.73 9.42
CA ALA B 241 20.37 7.28 8.48
C ALA B 241 19.91 8.68 8.86
N ILE B 242 19.77 8.91 10.17
CA ILE B 242 19.33 10.21 10.66
C ILE B 242 20.46 11.22 10.50
N VAL B 243 21.67 10.83 10.86
CA VAL B 243 22.80 11.74 10.80
C VAL B 243 23.08 12.16 9.35
N HIS B 244 22.93 11.21 8.42
CA HIS B 244 23.32 11.44 7.03
C HIS B 244 22.14 11.61 6.06
N ASN B 245 20.93 11.71 6.63
CA ASN B 245 19.68 11.86 5.87
C ASN B 245 19.54 10.85 4.73
N LYS B 246 19.66 9.58 5.07
CA LYS B 246 19.51 8.49 4.10
C LYS B 246 18.05 8.07 3.95
N LEU B 247 17.58 8.01 2.71
CA LEU B 247 16.19 7.64 2.42
C LEU B 247 15.91 6.17 2.72
N TYR B 248 16.86 5.30 2.39
CA TYR B 248 16.66 3.86 2.50
C TYR B 248 17.64 3.21 3.45
N VAL B 249 17.11 2.34 4.31
CA VAL B 249 17.92 1.43 5.10
C VAL B 249 17.36 0.02 4.94
N SER B 250 18.20 -0.89 4.45
CA SER B 250 17.88 -2.30 4.39
C SER B 250 18.83 -3.02 5.33
N THR B 251 18.32 -3.94 6.13
CA THR B 251 19.14 -4.59 7.15
C THR B 251 19.89 -5.81 6.62
N HIS B 252 19.41 -6.36 5.53
CA HIS B 252 19.91 -7.63 4.98
C HIS B 252 20.07 -7.54 3.46
N GLY B 253 21.04 -8.26 2.93
CA GLY B 253 21.28 -8.31 1.49
C GLY B 253 20.81 -9.60 0.84
N ASN B 254 20.20 -10.49 1.63
CA ASN B 254 19.86 -11.83 1.17
C ASN B 254 18.82 -11.86 0.04
N TRP B 255 18.08 -10.77 -0.12
CA TRP B 255 17.02 -10.70 -1.11
C TRP B 255 17.38 -9.78 -2.29
N ARG B 256 18.66 -9.48 -2.44
CA ARG B 256 19.12 -8.67 -3.57
C ARG B 256 18.73 -9.29 -4.91
N GLU B 257 19.06 -10.56 -5.11
CA GLU B 257 18.82 -11.23 -6.39
C GLU B 257 17.33 -11.40 -6.65
N THR B 258 16.55 -11.68 -5.62
CA THR B 258 15.12 -11.89 -5.81
C THR B 258 14.43 -10.57 -6.13
N CYS B 259 14.90 -9.48 -5.51
CA CYS B 259 14.40 -8.17 -5.84
C CYS B 259 14.80 -7.81 -7.26
N GLU B 260 16.06 -8.06 -7.63
CA GLU B 260 16.52 -7.77 -8.98
C GLU B 260 15.64 -8.46 -10.04
N ALA B 261 15.24 -9.69 -9.77
CA ALA B 261 14.44 -10.45 -10.73
C ALA B 261 13.05 -9.83 -10.87
N ARG B 262 12.47 -9.45 -9.75
CA ARG B 262 11.17 -8.77 -9.78
C ARG B 262 11.28 -7.46 -10.55
N PHE B 263 12.30 -6.67 -10.23
CA PHE B 263 12.49 -5.37 -10.85
C PHE B 263 12.64 -5.56 -12.35
N GLN B 264 13.37 -6.61 -12.74
CA GLN B 264 13.59 -6.86 -14.15
C GLN B 264 12.29 -7.23 -14.85
N ALA B 265 11.46 -8.03 -14.19
CA ALA B 265 10.16 -8.41 -14.74
C ALA B 265 9.26 -7.19 -14.92
N LEU B 266 9.31 -6.26 -13.97
CA LEU B 266 8.55 -5.02 -14.09
C LEU B 266 9.04 -4.19 -15.28
N LEU B 267 10.35 -4.07 -15.41
CA LEU B 267 10.94 -3.30 -16.49
C LEU B 267 10.60 -3.92 -17.84
N ASP B 268 10.60 -5.25 -17.90
CA ASP B 268 10.34 -5.96 -19.15
C ASP B 268 8.90 -5.75 -19.64
N SER B 269 7.99 -5.42 -18.73
CA SER B 269 6.59 -5.19 -19.09
C SER B 269 6.40 -3.85 -19.79
N MET B 270 7.42 -3.00 -19.74
CA MET B 270 7.27 -1.63 -20.22
C MET B 270 7.61 -1.56 -21.71
N PRO B 271 6.69 -1.01 -22.53
CA PRO B 271 6.94 -0.98 -23.98
C PRO B 271 8.17 -0.17 -24.37
#